data_1FQA
#
_entry.id   1FQA
#
_cell.length_a   43.9
_cell.length_b   65.8
_cell.length_c   57.8
_cell.angle_alpha   90.0
_cell.angle_beta   101.2
_cell.angle_gamma   90.0
#
_symmetry.space_group_name_H-M   'P 1 21 1'
#
loop_
_entity.id
_entity.type
_entity.pdbx_description
1 polymer 'MALTODEXTRIN-BINDING PROTEIN'
2 branched alpha-D-glucopyranose-(1-4)-alpha-D-glucopyranose-(1-4)-alpha-D-glucopyranose-(1-4)-sorbitol
3 water water
#
_entity_poly.entity_id   1
_entity_poly.type   'polypeptide(L)'
_entity_poly.pdbx_seq_one_letter_code
;AIEEGKLVIWINGDKGYNGLAEVGKKFEKDTGIKVTVEHPDKLEEKFPQVAATGDGPDIIFWAHDRFGGYAQSGLLAEIT
PDKAFQDKLYPFTWDAVRYNGKLIAYPIAVEALSLIYNKDLLPNPPKTWEEIPALDKELKAKGKSALMFNLQEPYFTWPL
IAADGGYAFKYENGKYDIKDVGVDNAGAKAGLTFLVDLIKNKHMNADTDYSIAEAAFNKGETAMTINGPWAWSNIDTSKV
NYGVTVLPTFKGQPSKPFVGVLSAGINAASPNKELAKEFLENYLLTDEGLEAVNKDKPLGAVALKSYEEELAKDPRIAAT
MENAQKGEIMPNIPQMSAFWYAVRTAVINAASGRQTVDEALKDAQTRITK
;
_entity_poly.pdbx_strand_id   A
#
loop_
_chem_comp.id
_chem_comp.type
_chem_comp.name
_chem_comp.formula
GLC D-saccharide, alpha linking alpha-D-glucopyranose 'C6 H12 O6'
SOR D-saccharide sorbitol 'C6 H14 O6'
#
# COMPACT_ATOMS: atom_id res chain seq x y z
N ALA A 1 2.41 -1.13 -33.57
CA ALA A 1 2.09 -2.50 -33.09
C ALA A 1 3.26 -3.10 -32.31
N ILE A 2 2.95 -3.97 -31.36
CA ILE A 2 3.97 -4.59 -30.52
C ILE A 2 4.62 -5.78 -31.24
N GLU A 3 5.94 -5.93 -31.06
CA GLU A 3 6.70 -6.99 -31.69
C GLU A 3 6.37 -8.36 -31.11
N GLU A 4 6.15 -9.34 -31.98
CA GLU A 4 5.85 -10.70 -31.53
C GLU A 4 7.13 -11.51 -31.36
N GLY A 5 7.13 -12.44 -30.41
CA GLY A 5 8.29 -13.28 -30.21
C GLY A 5 9.26 -12.91 -29.09
N LYS A 6 8.91 -11.88 -28.32
CA LYS A 6 9.75 -11.47 -27.19
C LYS A 6 8.87 -10.80 -26.16
N LEU A 7 9.49 -10.38 -25.06
CA LEU A 7 8.75 -9.70 -24.01
C LEU A 7 9.45 -8.42 -23.60
N VAL A 8 8.71 -7.32 -23.61
CA VAL A 8 9.25 -6.04 -23.20
C VAL A 8 8.51 -5.73 -21.92
N ILE A 9 9.27 -5.47 -20.86
CA ILE A 9 8.68 -5.19 -19.56
C ILE A 9 9.05 -3.81 -19.06
N TRP A 10 8.05 -3.10 -18.55
CA TRP A 10 8.25 -1.77 -17.98
C TRP A 10 7.99 -1.83 -16.49
N ILE A 11 8.94 -1.33 -15.71
CA ILE A 11 8.82 -1.29 -14.25
C ILE A 11 9.47 0.01 -13.81
N ASN A 12 9.00 0.59 -12.71
CA ASN A 12 9.54 1.88 -12.26
C ASN A 12 10.99 1.82 -11.78
N GLY A 13 11.69 2.94 -12.00
CA GLY A 13 13.08 3.05 -11.62
C GLY A 13 13.45 2.82 -10.17
N ASP A 14 12.46 2.87 -9.26
CA ASP A 14 12.76 2.66 -7.85
C ASP A 14 12.53 1.20 -7.43
N LYS A 15 12.27 0.33 -8.41
CA LYS A 15 12.04 -1.08 -8.14
C LYS A 15 13.28 -1.89 -8.56
N GLY A 16 13.30 -3.17 -8.25
CA GLY A 16 14.45 -3.99 -8.58
C GLY A 16 14.47 -4.52 -10.01
N TYR A 17 14.68 -3.62 -10.98
CA TYR A 17 14.71 -4.03 -12.37
C TYR A 17 15.93 -4.87 -12.73
N ASN A 18 17.06 -4.64 -12.06
CA ASN A 18 18.25 -5.45 -12.35
C ASN A 18 17.95 -6.88 -11.88
N GLY A 19 17.22 -6.98 -10.77
CA GLY A 19 16.87 -8.30 -10.24
C GLY A 19 15.86 -9.00 -11.14
N LEU A 20 14.94 -8.22 -11.71
CA LEU A 20 13.92 -8.76 -12.59
C LEU A 20 14.57 -9.28 -13.88
N ALA A 21 15.57 -8.56 -14.37
CA ALA A 21 16.28 -8.96 -15.58
C ALA A 21 16.91 -10.34 -15.40
N GLU A 22 17.19 -10.67 -14.14
CA GLU A 22 17.79 -11.95 -13.79
C GLU A 22 16.77 -13.07 -14.07
N VAL A 23 15.50 -12.78 -13.82
CA VAL A 23 14.44 -13.75 -14.08
C VAL A 23 14.25 -13.83 -15.60
N GLY A 24 14.39 -12.70 -16.27
CA GLY A 24 14.25 -12.68 -17.72
C GLY A 24 15.30 -13.56 -18.36
N LYS A 25 16.49 -13.57 -17.76
CA LYS A 25 17.60 -14.37 -18.25
C LYS A 25 17.26 -15.85 -18.18
N LYS A 26 16.67 -16.28 -17.06
CA LYS A 26 16.29 -17.67 -16.89
C LYS A 26 15.21 -18.06 -17.88
N PHE A 27 14.28 -17.16 -18.13
CA PHE A 27 13.19 -17.40 -19.08
C PHE A 27 13.76 -17.63 -20.47
N GLU A 28 14.69 -16.76 -20.89
CA GLU A 28 15.29 -16.92 -22.21
C GLU A 28 16.14 -18.18 -22.28
N LYS A 29 16.79 -18.52 -21.17
CA LYS A 29 17.62 -19.72 -21.12
C LYS A 29 16.77 -20.97 -21.32
N ASP A 30 15.55 -20.96 -20.80
CA ASP A 30 14.65 -22.11 -20.92
C ASP A 30 13.77 -22.13 -22.17
N THR A 31 13.38 -20.95 -22.65
CA THR A 31 12.50 -20.87 -23.82
C THR A 31 13.13 -20.29 -25.06
N GLY A 32 14.27 -19.62 -24.91
CA GLY A 32 14.93 -19.00 -26.04
C GLY A 32 14.28 -17.67 -26.39
N ILE A 33 13.31 -17.26 -25.60
CA ILE A 33 12.61 -16.00 -25.83
C ILE A 33 13.28 -14.90 -25.02
N LYS A 34 13.72 -13.84 -25.70
CA LYS A 34 14.39 -12.74 -25.01
C LYS A 34 13.41 -11.85 -24.27
N VAL A 35 13.84 -11.40 -23.09
CA VAL A 35 13.04 -10.52 -22.26
C VAL A 35 13.84 -9.23 -22.05
N THR A 36 13.21 -8.10 -22.34
CA THR A 36 13.88 -6.81 -22.17
C THR A 36 13.19 -5.98 -21.08
N VAL A 37 13.96 -5.60 -20.08
CA VAL A 37 13.44 -4.81 -18.98
C VAL A 37 13.83 -3.34 -19.12
N GLU A 38 12.83 -2.46 -19.05
CA GLU A 38 13.07 -1.03 -19.18
C GLU A 38 12.36 -0.28 -18.04
N HIS A 39 12.89 0.90 -17.71
CA HIS A 39 12.33 1.74 -16.65
C HIS A 39 12.32 3.20 -17.09
N PRO A 40 11.48 3.54 -18.08
CA PRO A 40 11.39 4.90 -18.60
C PRO A 40 10.87 5.92 -17.58
N ASP A 41 11.19 7.20 -17.81
CA ASP A 41 10.72 8.25 -16.93
C ASP A 41 9.22 8.41 -17.08
N LYS A 42 8.56 8.75 -15.97
CA LYS A 42 7.11 8.96 -15.96
C LYS A 42 6.37 7.86 -16.73
N LEU A 43 6.77 6.62 -16.52
CA LEU A 43 6.14 5.50 -17.23
C LEU A 43 4.65 5.34 -16.92
N GLU A 44 4.21 5.78 -15.75
CA GLU A 44 2.78 5.65 -15.42
C GLU A 44 1.93 6.51 -16.34
N GLU A 45 2.53 7.59 -16.86
CA GLU A 45 1.83 8.49 -17.77
C GLU A 45 2.06 8.04 -19.21
N LYS A 46 3.26 7.54 -19.49
CA LYS A 46 3.61 7.07 -20.83
C LYS A 46 2.84 5.83 -21.26
N PHE A 47 2.64 4.90 -20.33
CA PHE A 47 1.93 3.67 -20.69
C PHE A 47 0.55 3.88 -21.30
N PRO A 48 -0.33 4.65 -20.64
CA PRO A 48 -1.65 4.83 -21.23
C PRO A 48 -1.61 5.52 -22.60
N GLN A 49 -0.59 6.32 -22.83
CA GLN A 49 -0.45 7.01 -24.11
C GLN A 49 -0.07 6.03 -25.22
N VAL A 50 1.00 5.26 -25.01
CA VAL A 50 1.43 4.31 -26.02
C VAL A 50 0.51 3.11 -26.16
N ALA A 51 -0.04 2.63 -25.04
CA ALA A 51 -0.92 1.48 -25.11
C ALA A 51 -2.19 1.84 -25.88
N ALA A 52 -2.55 3.13 -25.87
CA ALA A 52 -3.75 3.58 -26.57
C ALA A 52 -3.63 3.48 -28.08
N THR A 53 -2.40 3.42 -28.59
CA THR A 53 -2.17 3.31 -30.02
C THR A 53 -1.82 1.89 -30.40
N GLY A 54 -1.94 0.98 -29.45
CA GLY A 54 -1.63 -0.41 -29.70
C GLY A 54 -0.15 -0.72 -29.59
N ASP A 55 0.57 0.15 -28.88
CA ASP A 55 2.00 -0.03 -28.68
C ASP A 55 2.33 -0.13 -27.20
N GLY A 56 3.62 -0.02 -26.88
CA GLY A 56 4.03 -0.09 -25.50
C GLY A 56 4.62 -1.45 -25.13
N PRO A 57 4.85 -1.68 -23.82
CA PRO A 57 5.41 -2.95 -23.34
C PRO A 57 4.37 -4.06 -23.28
N ASP A 58 4.84 -5.30 -23.26
CA ASP A 58 3.94 -6.45 -23.15
C ASP A 58 3.43 -6.52 -21.72
N ILE A 59 4.31 -6.16 -20.79
CA ILE A 59 3.97 -6.19 -19.36
C ILE A 59 4.32 -4.89 -18.66
N ILE A 60 3.41 -4.40 -17.82
CA ILE A 60 3.64 -3.18 -17.07
C ILE A 60 3.46 -3.43 -15.57
N PHE A 61 4.40 -2.94 -14.76
CA PHE A 61 4.34 -3.09 -13.31
C PHE A 61 4.01 -1.75 -12.66
N TRP A 62 3.04 -1.74 -11.75
CA TRP A 62 2.67 -0.53 -11.03
C TRP A 62 1.66 -0.83 -9.92
N ALA A 63 1.46 0.13 -9.02
CA ALA A 63 0.52 -0.04 -7.93
C ALA A 63 -0.85 -0.34 -8.54
N HIS A 64 -1.55 -1.32 -7.99
CA HIS A 64 -2.86 -1.74 -8.49
C HIS A 64 -3.89 -0.62 -8.63
N ASP A 65 -3.80 0.39 -7.76
CA ASP A 65 -4.75 1.50 -7.81
C ASP A 65 -4.80 2.16 -9.19
N ARG A 66 -3.63 2.29 -9.82
CA ARG A 66 -3.53 2.91 -11.14
C ARG A 66 -4.12 2.02 -12.25
N PHE A 67 -4.15 0.70 -12.03
CA PHE A 67 -4.66 -0.22 -13.04
C PHE A 67 -6.16 -0.10 -13.28
N GLY A 68 -6.89 0.49 -12.35
CA GLY A 68 -8.32 0.65 -12.54
C GLY A 68 -8.56 1.56 -13.73
N GLY A 69 -7.80 2.64 -13.79
CA GLY A 69 -7.93 3.58 -14.89
C GLY A 69 -7.54 2.95 -16.21
N TYR A 70 -6.45 2.18 -16.18
CA TYR A 70 -5.98 1.51 -17.40
C TYR A 70 -7.02 0.50 -17.88
N ALA A 71 -7.61 -0.25 -16.95
CA ALA A 71 -8.60 -1.25 -17.31
C ALA A 71 -9.88 -0.62 -17.86
N GLN A 72 -10.21 0.58 -17.38
CA GLN A 72 -11.38 1.31 -17.83
C GLN A 72 -11.22 1.62 -19.32
N SER A 73 -9.99 1.90 -19.73
CA SER A 73 -9.69 2.22 -21.12
C SER A 73 -9.39 1.00 -21.97
N GLY A 74 -9.52 -0.19 -21.37
CA GLY A 74 -9.27 -1.42 -22.10
C GLY A 74 -7.82 -1.63 -22.47
N LEU A 75 -6.92 -1.12 -21.64
CA LEU A 75 -5.48 -1.26 -21.89
C LEU A 75 -4.89 -2.58 -21.42
N LEU A 76 -5.60 -3.27 -20.52
CA LEU A 76 -5.12 -4.52 -19.97
C LEU A 76 -5.91 -5.77 -20.39
N ALA A 77 -5.18 -6.82 -20.71
CA ALA A 77 -5.80 -8.07 -21.12
C ALA A 77 -6.32 -8.80 -19.88
N GLU A 78 -7.43 -9.51 -20.02
CA GLU A 78 -7.95 -10.26 -18.91
C GLU A 78 -7.02 -11.47 -18.77
N ILE A 79 -6.53 -11.72 -17.56
CA ILE A 79 -5.62 -12.83 -17.34
C ILE A 79 -6.37 -14.13 -17.08
N THR A 80 -5.69 -15.26 -17.29
CA THR A 80 -6.33 -16.56 -17.15
C THR A 80 -5.67 -17.59 -16.22
N PRO A 81 -5.25 -17.16 -15.02
CA PRO A 81 -4.63 -18.13 -14.11
C PRO A 81 -5.63 -19.20 -13.72
N ASP A 82 -5.21 -20.46 -13.62
CA ASP A 82 -6.15 -21.50 -13.21
C ASP A 82 -6.31 -21.46 -11.69
N LYS A 83 -7.25 -22.25 -11.18
CA LYS A 83 -7.51 -22.29 -9.75
C LYS A 83 -6.27 -22.64 -8.94
N ALA A 84 -5.47 -23.58 -9.44
CA ALA A 84 -4.26 -23.99 -8.77
C ALA A 84 -3.36 -22.79 -8.52
N PHE A 85 -3.21 -21.94 -9.52
CA PHE A 85 -2.36 -20.77 -9.34
C PHE A 85 -3.02 -19.75 -8.42
N GLN A 86 -4.34 -19.59 -8.53
CA GLN A 86 -5.02 -18.61 -7.68
C GLN A 86 -4.82 -18.94 -6.21
N ASP A 87 -4.85 -20.22 -5.87
CA ASP A 87 -4.65 -20.65 -4.48
C ASP A 87 -3.26 -20.30 -3.97
N LYS A 88 -2.32 -20.05 -4.88
CA LYS A 88 -0.96 -19.72 -4.49
C LYS A 88 -0.77 -18.31 -3.93
N LEU A 89 -1.74 -17.43 -4.17
CA LEU A 89 -1.64 -16.06 -3.68
C LEU A 89 -2.71 -15.79 -2.62
N TYR A 90 -2.44 -14.83 -1.74
CA TYR A 90 -3.41 -14.48 -0.70
C TYR A 90 -4.66 -13.95 -1.42
N PRO A 91 -5.85 -14.35 -0.94
CA PRO A 91 -7.12 -13.93 -1.53
C PRO A 91 -7.30 -12.44 -1.75
N PHE A 92 -6.99 -11.65 -0.72
CA PHE A 92 -7.17 -10.20 -0.83
C PHE A 92 -6.37 -9.56 -1.97
N THR A 93 -5.25 -10.17 -2.36
CA THR A 93 -4.46 -9.58 -3.43
C THR A 93 -5.18 -9.72 -4.78
N TRP A 94 -5.99 -10.77 -4.94
CA TRP A 94 -6.72 -10.94 -6.19
C TRP A 94 -7.82 -9.89 -6.31
N ASP A 95 -8.36 -9.44 -5.18
CA ASP A 95 -9.39 -8.42 -5.19
C ASP A 95 -8.83 -7.11 -5.70
N ALA A 96 -7.53 -6.91 -5.47
CA ALA A 96 -6.85 -5.68 -5.87
C ALA A 96 -6.64 -5.58 -7.38
N VAL A 97 -6.68 -6.72 -8.07
CA VAL A 97 -6.48 -6.73 -9.50
C VAL A 97 -7.73 -7.11 -10.29
N ARG A 98 -8.90 -6.89 -9.71
CA ARG A 98 -10.14 -7.19 -10.38
C ARG A 98 -10.85 -5.90 -10.76
N TYR A 99 -11.26 -5.80 -12.02
CA TYR A 99 -11.96 -4.61 -12.48
C TYR A 99 -13.16 -5.05 -13.31
N ASN A 100 -14.33 -4.57 -12.93
CA ASN A 100 -15.56 -4.90 -13.63
C ASN A 100 -15.74 -6.41 -13.67
N GLY A 101 -15.42 -7.07 -12.56
CA GLY A 101 -15.56 -8.51 -12.47
C GLY A 101 -14.53 -9.36 -13.18
N LYS A 102 -13.52 -8.73 -13.78
CA LYS A 102 -12.48 -9.47 -14.49
C LYS A 102 -11.09 -9.26 -13.88
N LEU A 103 -10.31 -10.33 -13.83
CA LEU A 103 -8.95 -10.27 -13.31
C LEU A 103 -8.11 -9.60 -14.41
N ILE A 104 -7.48 -8.47 -14.11
CA ILE A 104 -6.71 -7.77 -15.12
C ILE A 104 -5.21 -7.58 -14.85
N ALA A 105 -4.67 -8.33 -13.89
CA ALA A 105 -3.26 -8.23 -13.57
C ALA A 105 -2.87 -9.25 -12.51
N TYR A 106 -1.57 -9.52 -12.41
CA TYR A 106 -1.06 -10.46 -11.42
C TYR A 106 -0.47 -9.72 -10.23
N PRO A 107 -0.93 -10.03 -9.01
CA PRO A 107 -0.44 -9.38 -7.79
C PRO A 107 1.01 -9.83 -7.56
N ILE A 108 1.87 -8.92 -7.14
CA ILE A 108 3.27 -9.27 -6.91
C ILE A 108 3.69 -9.00 -5.47
N ALA A 109 3.54 -7.76 -5.03
CA ALA A 109 3.92 -7.40 -3.68
C ALA A 109 2.78 -6.77 -2.89
N VAL A 110 2.97 -6.68 -1.58
CA VAL A 110 1.98 -6.13 -0.68
C VAL A 110 2.61 -5.11 0.27
N GLU A 111 2.00 -3.93 0.38
CA GLU A 111 2.51 -2.93 1.29
C GLU A 111 1.40 -2.29 2.10
N ALA A 112 1.70 -2.02 3.36
CA ALA A 112 0.74 -1.40 4.27
C ALA A 112 1.53 -0.77 5.39
N LEU A 113 0.93 0.19 6.08
CA LEU A 113 1.61 0.84 7.20
C LEU A 113 1.69 -0.09 8.40
N SER A 114 2.69 0.14 9.25
CA SER A 114 2.88 -0.64 10.47
C SER A 114 3.32 0.34 11.54
N LEU A 115 3.35 -0.13 12.78
CA LEU A 115 3.79 0.70 13.89
C LEU A 115 5.29 0.46 14.03
N ILE A 116 6.09 1.51 13.88
CA ILE A 116 7.53 1.38 14.02
C ILE A 116 7.87 1.95 15.39
N TYR A 117 8.66 1.22 16.17
CA TYR A 117 8.99 1.69 17.50
C TYR A 117 10.46 1.54 17.88
N ASN A 118 10.91 2.37 18.80
CA ASN A 118 12.28 2.37 19.28
C ASN A 118 12.35 1.37 20.44
N LYS A 119 13.10 0.29 20.26
CA LYS A 119 13.23 -0.73 21.29
C LYS A 119 13.91 -0.26 22.57
N ASP A 120 14.77 0.74 22.48
CA ASP A 120 15.45 1.24 23.67
C ASP A 120 14.53 2.12 24.51
N LEU A 121 13.66 2.87 23.85
CA LEU A 121 12.74 3.75 24.54
C LEU A 121 11.44 3.05 24.91
N LEU A 122 10.98 2.17 24.03
CA LEU A 122 9.72 1.47 24.25
C LEU A 122 9.87 0.00 23.84
N PRO A 123 10.53 -0.80 24.68
CA PRO A 123 10.70 -2.22 24.36
C PRO A 123 9.38 -3.00 24.30
N ASN A 124 8.34 -2.43 24.89
CA ASN A 124 7.02 -3.06 24.89
C ASN A 124 5.98 -2.07 24.39
N PRO A 125 5.90 -1.89 23.06
CA PRO A 125 4.93 -0.95 22.46
C PRO A 125 3.47 -1.25 22.80
N PRO A 126 2.63 -0.21 22.82
CA PRO A 126 1.21 -0.35 23.13
C PRO A 126 0.40 -1.10 22.07
N LYS A 127 -0.53 -1.92 22.54
CA LYS A 127 -1.39 -2.67 21.64
C LYS A 127 -2.65 -1.87 21.31
N THR A 128 -2.87 -0.77 22.03
CA THR A 128 -4.06 0.06 21.80
C THR A 128 -3.71 1.55 21.68
N TRP A 129 -4.53 2.30 20.96
CA TRP A 129 -4.33 3.74 20.81
C TRP A 129 -4.64 4.43 22.14
N GLU A 130 -5.59 3.85 22.87
CA GLU A 130 -6.01 4.40 24.16
C GLU A 130 -4.88 4.50 25.19
N GLU A 131 -3.85 3.68 25.03
CA GLU A 131 -2.72 3.68 25.95
C GLU A 131 -1.71 4.77 25.66
N ILE A 132 -1.77 5.34 24.46
CA ILE A 132 -0.79 6.34 24.07
C ILE A 132 -0.73 7.62 24.91
N PRO A 133 -1.88 8.20 25.28
CA PRO A 133 -1.79 9.43 26.08
C PRO A 133 -0.96 9.27 27.37
N ALA A 134 -1.16 8.16 28.08
CA ALA A 134 -0.43 7.91 29.33
C ALA A 134 1.05 7.67 29.06
N LEU A 135 1.36 7.00 27.95
CA LEU A 135 2.75 6.72 27.60
C LEU A 135 3.47 8.02 27.27
N ASP A 136 2.78 8.91 26.57
CA ASP A 136 3.35 10.20 26.19
C ASP A 136 3.74 11.00 27.44
N LYS A 137 2.87 10.98 28.45
CA LYS A 137 3.15 11.72 29.67
C LYS A 137 4.40 11.18 30.35
N GLU A 138 4.56 9.87 30.36
CA GLU A 138 5.73 9.26 30.97
C GLU A 138 7.01 9.55 30.19
N LEU A 139 6.93 9.44 28.87
CA LEU A 139 8.10 9.69 28.02
C LEU A 139 8.51 11.15 28.01
N LYS A 140 7.52 12.05 28.03
CA LYS A 140 7.79 13.48 28.01
C LYS A 140 8.56 13.89 29.27
N ALA A 141 8.43 13.08 30.32
CA ALA A 141 9.12 13.33 31.58
C ALA A 141 10.64 13.34 31.34
N LYS A 142 11.08 12.68 30.28
CA LYS A 142 12.50 12.66 29.94
C LYS A 142 12.80 13.29 28.59
N GLY A 143 11.93 14.19 28.15
CA GLY A 143 12.13 14.89 26.89
C GLY A 143 11.87 14.11 25.62
N LYS A 144 11.12 13.02 25.71
CA LYS A 144 10.79 12.21 24.54
C LYS A 144 9.28 12.18 24.34
N SER A 145 8.84 12.02 23.10
CA SER A 145 7.41 11.94 22.81
C SER A 145 7.06 10.48 22.53
N ALA A 146 5.79 10.11 22.66
CA ALA A 146 5.39 8.74 22.43
C ALA A 146 5.23 8.40 20.95
N LEU A 147 4.57 9.29 20.20
CA LEU A 147 4.31 9.02 18.79
C LEU A 147 4.31 10.25 17.87
N MET A 148 4.96 10.11 16.72
CA MET A 148 5.00 11.17 15.72
C MET A 148 4.88 10.55 14.34
N PHE A 149 3.87 10.96 13.58
CA PHE A 149 3.68 10.44 12.22
C PHE A 149 2.99 11.47 11.34
N ASN A 150 3.11 11.30 10.03
CA ASN A 150 2.53 12.24 9.07
C ASN A 150 1.02 12.43 9.21
N LEU A 151 0.63 13.62 9.67
CA LEU A 151 -0.78 13.93 9.83
C LEU A 151 -1.34 14.72 8.66
N GLN A 152 -0.52 14.90 7.62
CA GLN A 152 -0.95 15.70 6.47
C GLN A 152 -1.63 14.90 5.36
N GLU A 153 -1.37 13.61 5.30
CA GLU A 153 -1.96 12.76 4.27
C GLU A 153 -2.96 11.78 4.88
N PRO A 154 -4.18 11.73 4.33
CA PRO A 154 -5.22 10.83 4.83
C PRO A 154 -4.79 9.36 4.85
N TYR A 155 -3.83 9.02 4.00
CA TYR A 155 -3.31 7.65 3.95
C TYR A 155 -2.76 7.23 5.31
N PHE A 156 -2.13 8.16 6.02
CA PHE A 156 -1.55 7.87 7.33
C PHE A 156 -2.50 7.93 8.52
N THR A 157 -3.53 8.76 8.42
CA THR A 157 -4.48 8.88 9.53
C THR A 157 -5.70 7.96 9.43
N TRP A 158 -5.97 7.46 8.23
CA TRP A 158 -7.12 6.59 8.02
C TRP A 158 -7.16 5.27 8.80
N PRO A 159 -5.99 4.64 9.04
CA PRO A 159 -6.03 3.37 9.79
C PRO A 159 -6.78 3.53 11.11
N LEU A 160 -6.59 4.68 11.75
CA LEU A 160 -7.23 5.00 13.03
C LEU A 160 -8.72 5.27 12.82
N ILE A 161 -9.03 6.13 11.84
CA ILE A 161 -10.40 6.50 11.54
C ILE A 161 -11.24 5.29 11.10
N ALA A 162 -10.61 4.34 10.43
CA ALA A 162 -11.31 3.15 9.96
C ALA A 162 -11.47 2.05 11.01
N ALA A 163 -10.62 2.09 12.04
CA ALA A 163 -10.67 1.06 13.08
C ALA A 163 -12.05 0.72 13.63
N ASP A 164 -12.80 1.73 14.06
CA ASP A 164 -14.12 1.48 14.63
C ASP A 164 -15.29 1.54 13.66
N GLY A 165 -15.02 1.62 12.36
CA GLY A 165 -16.12 1.64 11.40
C GLY A 165 -16.03 2.50 10.15
N GLY A 166 -15.04 3.39 10.07
CA GLY A 166 -14.93 4.22 8.89
C GLY A 166 -14.48 3.43 7.68
N TYR A 167 -14.96 3.81 6.49
CA TYR A 167 -14.56 3.14 5.25
C TYR A 167 -14.80 4.04 4.06
N ALA A 168 -14.06 3.79 2.98
CA ALA A 168 -14.20 4.58 1.77
C ALA A 168 -15.43 4.14 0.98
N PHE A 169 -15.37 2.96 0.40
CA PHE A 169 -16.49 2.43 -0.39
C PHE A 169 -16.79 0.99 0.01
N LYS A 170 -18.07 0.69 0.18
CA LYS A 170 -18.48 -0.66 0.54
C LYS A 170 -18.15 -1.56 -0.65
N TYR A 171 -17.47 -2.67 -0.39
CA TYR A 171 -17.09 -3.61 -1.44
C TYR A 171 -17.92 -4.89 -1.32
N GLU A 172 -18.94 -5.03 -2.15
CA GLU A 172 -19.79 -6.22 -2.11
C GLU A 172 -19.34 -7.22 -3.15
N ASN A 173 -20.08 -8.31 -3.28
CA ASN A 173 -19.78 -9.35 -4.24
C ASN A 173 -19.59 -8.74 -5.63
N GLY A 174 -18.33 -8.59 -6.02
CA GLY A 174 -18.06 -8.02 -7.33
C GLY A 174 -17.28 -6.71 -7.31
N LYS A 175 -17.90 -5.64 -6.83
CA LYS A 175 -17.20 -4.36 -6.80
C LYS A 175 -17.61 -3.35 -5.73
N TYR A 176 -17.16 -2.12 -5.90
CA TYR A 176 -17.42 -1.03 -4.98
C TYR A 176 -18.72 -0.29 -5.27
N ASP A 177 -19.48 -0.01 -4.21
CA ASP A 177 -20.73 0.72 -4.34
C ASP A 177 -20.43 2.19 -4.08
N ILE A 178 -20.34 2.98 -5.15
CA ILE A 178 -20.04 4.40 -5.02
C ILE A 178 -21.11 5.19 -4.27
N LYS A 179 -22.20 4.53 -3.92
CA LYS A 179 -23.28 5.19 -3.18
C LYS A 179 -23.19 4.93 -1.68
N ASP A 180 -22.37 3.95 -1.29
CA ASP A 180 -22.21 3.61 0.12
C ASP A 180 -20.80 3.99 0.59
N VAL A 181 -20.68 5.21 1.10
CA VAL A 181 -19.40 5.73 1.60
C VAL A 181 -19.45 5.86 3.12
N GLY A 182 -18.37 5.46 3.78
CA GLY A 182 -18.37 5.52 5.24
C GLY A 182 -17.44 6.50 5.90
N VAL A 183 -17.53 7.77 5.53
CA VAL A 183 -16.68 8.78 6.15
C VAL A 183 -17.44 9.54 7.23
N ASP A 184 -18.76 9.70 7.03
CA ASP A 184 -19.60 10.38 8.00
C ASP A 184 -20.48 9.39 8.76
N ASN A 185 -19.84 8.48 9.49
CA ASN A 185 -20.57 7.50 10.30
C ASN A 185 -19.96 7.48 11.71
N ALA A 186 -20.59 6.75 12.62
CA ALA A 186 -20.15 6.69 14.01
C ALA A 186 -18.70 6.27 14.19
N GLY A 187 -18.28 5.25 13.46
CA GLY A 187 -16.92 4.76 13.57
C GLY A 187 -15.86 5.79 13.20
N ALA A 188 -16.00 6.40 12.03
CA ALA A 188 -15.04 7.41 11.58
C ALA A 188 -15.05 8.58 12.54
N LYS A 189 -16.24 8.91 13.03
CA LYS A 189 -16.42 10.01 13.97
C LYS A 189 -15.61 9.76 15.24
N ALA A 190 -15.70 8.54 15.76
CA ALA A 190 -14.99 8.18 16.98
C ALA A 190 -13.48 8.20 16.75
N GLY A 191 -13.05 7.69 15.60
CA GLY A 191 -11.64 7.65 15.27
C GLY A 191 -11.02 9.02 15.10
N LEU A 192 -11.65 9.87 14.30
CA LEU A 192 -11.13 11.21 14.09
C LEU A 192 -11.13 12.00 15.39
N THR A 193 -12.14 11.79 16.22
CA THR A 193 -12.20 12.50 17.50
C THR A 193 -11.02 12.10 18.38
N PHE A 194 -10.66 10.82 18.37
CA PHE A 194 -9.53 10.39 19.18
C PHE A 194 -8.28 11.09 18.68
N LEU A 195 -8.13 11.16 17.36
CA LEU A 195 -6.99 11.82 16.75
C LEU A 195 -6.92 13.29 17.12
N VAL A 196 -8.05 13.98 17.01
CA VAL A 196 -8.11 15.40 17.34
C VAL A 196 -7.83 15.62 18.82
N ASP A 197 -8.30 14.71 19.66
CA ASP A 197 -8.05 14.83 21.09
C ASP A 197 -6.58 14.67 21.42
N LEU A 198 -5.86 13.84 20.67
CA LEU A 198 -4.43 13.67 20.92
C LEU A 198 -3.74 15.01 20.73
N ILE A 199 -4.20 15.74 19.72
CA ILE A 199 -3.66 17.05 19.39
C ILE A 199 -4.00 18.10 20.44
N LYS A 200 -5.29 18.19 20.80
CA LYS A 200 -5.74 19.16 21.78
C LYS A 200 -5.12 18.91 23.15
N ASN A 201 -4.78 17.65 23.41
CA ASN A 201 -4.16 17.29 24.69
C ASN A 201 -2.64 17.34 24.61
N LYS A 202 -2.12 17.89 23.52
CA LYS A 202 -0.69 18.06 23.31
C LYS A 202 0.15 16.79 23.14
N HIS A 203 -0.47 15.69 22.80
CA HIS A 203 0.26 14.45 22.62
C HIS A 203 0.82 14.37 21.19
N MET A 204 0.26 15.19 20.33
CA MET A 204 0.70 15.28 18.93
C MET A 204 0.48 16.72 18.47
N ASN A 205 1.17 17.12 17.41
CA ASN A 205 1.07 18.46 16.86
C ASN A 205 0.40 18.37 15.48
N ALA A 206 -0.58 19.22 15.24
CA ALA A 206 -1.30 19.21 13.97
C ALA A 206 -0.42 19.45 12.74
N ASP A 207 0.73 20.08 12.94
CA ASP A 207 1.64 20.38 11.83
C ASP A 207 2.66 19.28 11.51
N THR A 208 2.72 18.25 12.35
CA THR A 208 3.68 17.17 12.11
C THR A 208 3.43 16.48 10.76
N ASP A 209 4.48 16.39 9.94
CA ASP A 209 4.37 15.77 8.63
C ASP A 209 5.35 14.62 8.44
N TYR A 210 5.49 14.15 7.21
CA TYR A 210 6.37 13.03 6.92
C TYR A 210 7.84 13.24 7.33
N SER A 211 8.45 14.31 6.82
CA SER A 211 9.84 14.58 7.13
C SER A 211 10.08 14.90 8.60
N ILE A 212 9.16 15.64 9.21
CA ILE A 212 9.29 15.98 10.62
C ILE A 212 9.28 14.70 11.45
N ALA A 213 8.32 13.81 11.17
CA ALA A 213 8.21 12.57 11.91
C ALA A 213 9.42 11.66 11.68
N GLU A 214 9.89 11.59 10.44
CA GLU A 214 11.02 10.73 10.11
C GLU A 214 12.30 11.12 10.86
N ALA A 215 12.62 12.41 10.86
CA ALA A 215 13.82 12.89 11.55
C ALA A 215 13.69 12.65 13.06
N ALA A 216 12.51 12.93 13.60
CA ALA A 216 12.28 12.76 15.04
C ALA A 216 12.54 11.32 15.46
N PHE A 217 12.06 10.36 14.67
CA PHE A 217 12.27 8.95 15.01
C PHE A 217 13.72 8.55 14.79
N ASN A 218 14.30 9.01 13.69
CA ASN A 218 15.69 8.69 13.35
C ASN A 218 16.68 9.28 14.34
N LYS A 219 16.27 10.32 15.05
CA LYS A 219 17.16 10.95 16.02
C LYS A 219 16.86 10.52 17.45
N GLY A 220 15.94 9.56 17.60
CA GLY A 220 15.60 9.06 18.92
C GLY A 220 14.82 10.03 19.80
N GLU A 221 14.12 10.99 19.19
CA GLU A 221 13.36 11.97 19.96
C GLU A 221 11.93 11.50 20.26
N THR A 222 11.40 10.60 19.43
CA THR A 222 10.06 10.06 19.62
C THR A 222 10.18 8.53 19.64
N ALA A 223 9.35 7.88 20.45
CA ALA A 223 9.39 6.44 20.62
C ALA A 223 8.72 5.63 19.51
N MET A 224 7.81 6.27 18.78
CA MET A 224 7.10 5.56 17.72
C MET A 224 6.75 6.45 16.54
N THR A 225 6.51 5.80 15.40
CA THR A 225 6.09 6.48 14.18
C THR A 225 5.27 5.45 13.40
N ILE A 226 4.60 5.89 12.35
CA ILE A 226 3.79 4.99 11.53
C ILE A 226 4.27 5.19 10.10
N ASN A 227 4.74 4.12 9.47
CA ASN A 227 5.23 4.23 8.11
C ASN A 227 5.24 2.87 7.41
N GLY A 228 5.61 2.90 6.14
CA GLY A 228 5.64 1.67 5.36
C GLY A 228 7.02 1.10 5.09
N PRO A 229 7.08 -0.06 4.42
CA PRO A 229 8.34 -0.75 4.09
C PRO A 229 9.35 0.13 3.35
N TRP A 230 8.82 1.09 2.59
CA TRP A 230 9.65 2.01 1.80
C TRP A 230 10.52 2.92 2.66
N ALA A 231 10.17 3.06 3.94
CA ALA A 231 10.93 3.92 4.84
C ALA A 231 12.01 3.22 5.66
N TRP A 232 11.97 1.89 5.73
CA TRP A 232 12.94 1.14 6.52
C TRP A 232 14.40 1.45 6.20
N SER A 233 14.73 1.51 4.92
CA SER A 233 16.10 1.79 4.51
C SER A 233 16.62 3.11 5.05
N ASN A 234 15.72 4.08 5.26
CA ASN A 234 16.15 5.38 5.75
C ASN A 234 16.24 5.45 7.27
N ILE A 235 15.96 4.33 7.94
CA ILE A 235 16.05 4.24 9.39
C ILE A 235 17.33 3.44 9.68
N ASP A 236 17.53 2.35 8.94
CA ASP A 236 18.68 1.48 9.11
C ASP A 236 20.01 2.23 9.17
N THR A 237 20.10 3.29 8.37
CA THR A 237 21.32 4.11 8.31
C THR A 237 21.50 4.97 9.56
N SER A 238 20.44 5.13 10.34
CA SER A 238 20.51 5.94 11.55
C SER A 238 21.01 5.11 12.75
N LYS A 239 20.97 3.80 12.61
CA LYS A 239 21.42 2.87 13.66
C LYS A 239 20.45 2.66 14.82
N VAL A 240 19.49 3.56 15.00
CA VAL A 240 18.52 3.41 16.10
C VAL A 240 17.98 1.97 16.08
N ASN A 241 17.79 1.38 17.25
CA ASN A 241 17.29 0.01 17.34
C ASN A 241 15.77 0.00 17.25
N TYR A 242 15.24 -0.33 16.07
CA TYR A 242 13.79 -0.32 15.91
C TYR A 242 13.15 -1.67 15.63
N GLY A 243 11.85 -1.72 15.87
CA GLY A 243 11.07 -2.92 15.62
C GLY A 243 9.86 -2.45 14.82
N VAL A 244 9.14 -3.39 14.21
CA VAL A 244 7.96 -3.09 13.42
C VAL A 244 6.88 -4.05 13.91
N THR A 245 5.73 -3.53 14.29
CA THR A 245 4.68 -4.39 14.80
C THR A 245 3.27 -4.02 14.33
N VAL A 246 2.28 -4.80 14.75
CA VAL A 246 0.90 -4.55 14.36
C VAL A 246 0.45 -3.19 14.88
N LEU A 247 -0.37 -2.49 14.10
CA LEU A 247 -0.86 -1.18 14.51
C LEU A 247 -1.70 -1.31 15.77
N PRO A 248 -1.77 -0.26 16.59
CA PRO A 248 -2.58 -0.40 17.79
C PRO A 248 -4.07 -0.46 17.45
N THR A 249 -4.84 -1.07 18.34
CA THR A 249 -6.27 -1.19 18.14
C THR A 249 -6.96 0.04 18.73
N PHE A 250 -8.19 0.28 18.31
CA PHE A 250 -8.96 1.39 18.85
C PHE A 250 -10.32 0.81 19.15
N LYS A 251 -10.79 1.02 20.38
CA LYS A 251 -12.07 0.49 20.81
C LYS A 251 -12.07 -1.03 20.59
N GLY A 252 -10.92 -1.64 20.87
CA GLY A 252 -10.76 -3.07 20.74
C GLY A 252 -10.74 -3.58 19.32
N GLN A 253 -10.83 -2.68 18.35
CA GLN A 253 -10.84 -3.07 16.94
C GLN A 253 -9.52 -2.74 16.25
N PRO A 254 -8.98 -3.67 15.47
CA PRO A 254 -7.71 -3.39 14.80
C PRO A 254 -7.76 -2.20 13.86
N SER A 255 -6.65 -1.49 13.76
CA SER A 255 -6.58 -0.37 12.84
C SER A 255 -6.63 -1.01 11.46
N LYS A 256 -7.18 -0.29 10.49
CA LYS A 256 -7.33 -0.83 9.14
C LYS A 256 -6.64 0.02 8.08
N PRO A 257 -5.33 -0.21 7.87
CA PRO A 257 -4.55 0.54 6.89
C PRO A 257 -4.90 0.13 5.46
N PHE A 258 -4.76 1.08 4.53
CA PHE A 258 -5.03 0.79 3.14
C PHE A 258 -3.89 -0.09 2.65
N VAL A 259 -4.15 -0.92 1.66
CA VAL A 259 -3.11 -1.80 1.13
C VAL A 259 -2.84 -1.51 -0.34
N GLY A 260 -1.54 -1.50 -0.68
CA GLY A 260 -1.14 -1.25 -2.05
C GLY A 260 -0.51 -2.52 -2.59
N VAL A 261 -0.96 -2.97 -3.76
CA VAL A 261 -0.45 -4.19 -4.35
C VAL A 261 0.27 -3.94 -5.67
N LEU A 262 1.60 -4.03 -5.65
CA LEU A 262 2.38 -3.84 -6.86
C LEU A 262 1.91 -4.98 -7.77
N SER A 263 1.46 -4.63 -8.97
CA SER A 263 0.93 -5.63 -9.89
C SER A 263 1.54 -5.58 -11.28
N ALA A 264 1.37 -6.67 -12.00
CA ALA A 264 1.89 -6.80 -13.36
C ALA A 264 0.76 -7.05 -14.35
N GLY A 265 0.47 -6.06 -15.19
CA GLY A 265 -0.59 -6.21 -16.16
C GLY A 265 -0.04 -6.52 -17.54
N ILE A 266 -0.84 -7.18 -18.36
CA ILE A 266 -0.45 -7.53 -19.72
C ILE A 266 -1.17 -6.62 -20.70
N ASN A 267 -0.40 -5.99 -21.59
CA ASN A 267 -0.92 -5.07 -22.59
C ASN A 267 -1.96 -5.77 -23.48
N ALA A 268 -3.15 -5.19 -23.57
CA ALA A 268 -4.21 -5.77 -24.37
C ALA A 268 -3.82 -5.91 -25.83
N ALA A 269 -2.89 -5.07 -26.29
CA ALA A 269 -2.46 -5.13 -27.68
C ALA A 269 -1.25 -6.05 -27.90
N SER A 270 -0.79 -6.70 -26.84
CA SER A 270 0.36 -7.60 -26.97
C SER A 270 0.03 -8.90 -27.68
N PRO A 271 0.87 -9.30 -28.66
CA PRO A 271 0.66 -10.54 -29.39
C PRO A 271 1.36 -11.66 -28.64
N ASN A 272 1.86 -11.32 -27.45
CA ASN A 272 2.60 -12.26 -26.61
C ASN A 272 1.94 -12.51 -25.24
N LYS A 273 0.62 -12.57 -25.19
CA LYS A 273 -0.06 -12.79 -23.92
C LYS A 273 0.25 -14.14 -23.28
N GLU A 274 0.42 -15.17 -24.10
CA GLU A 274 0.72 -16.50 -23.57
C GLU A 274 2.13 -16.54 -22.97
N LEU A 275 3.07 -15.89 -23.64
CA LEU A 275 4.45 -15.81 -23.15
C LEU A 275 4.48 -15.02 -21.85
N ALA A 276 3.67 -13.96 -21.78
CA ALA A 276 3.60 -13.11 -20.60
C ALA A 276 3.08 -13.91 -19.41
N LYS A 277 2.06 -14.72 -19.67
CA LYS A 277 1.47 -15.55 -18.62
C LYS A 277 2.50 -16.54 -18.10
N GLU A 278 3.19 -17.21 -19.03
CA GLU A 278 4.19 -18.20 -18.67
C GLU A 278 5.29 -17.56 -17.81
N PHE A 279 5.76 -16.40 -18.25
CA PHE A 279 6.80 -15.69 -17.51
C PHE A 279 6.34 -15.28 -16.11
N LEU A 280 5.22 -14.58 -16.02
CA LEU A 280 4.71 -14.12 -14.75
C LEU A 280 4.33 -15.24 -13.77
N GLU A 281 3.60 -16.24 -14.25
CA GLU A 281 3.17 -17.33 -13.39
C GLU A 281 4.25 -18.31 -12.98
N ASN A 282 5.01 -18.81 -13.96
CA ASN A 282 6.01 -19.83 -13.68
C ASN A 282 7.48 -19.43 -13.58
N TYR A 283 7.76 -18.14 -13.64
CA TYR A 283 9.13 -17.68 -13.50
C TYR A 283 9.21 -16.61 -12.42
N LEU A 284 8.43 -15.54 -12.56
CA LEU A 284 8.46 -14.48 -11.57
C LEU A 284 7.74 -14.85 -10.26
N LEU A 285 6.50 -15.33 -10.35
CA LEU A 285 5.77 -15.67 -9.14
C LEU A 285 6.09 -17.06 -8.58
N THR A 286 7.37 -17.25 -8.25
CA THR A 286 7.88 -18.48 -7.68
C THR A 286 8.87 -18.02 -6.62
N ASP A 287 9.26 -18.90 -5.70
CA ASP A 287 10.20 -18.48 -4.66
C ASP A 287 11.49 -17.94 -5.28
N GLU A 288 11.99 -18.63 -6.30
CA GLU A 288 13.23 -18.23 -6.96
C GLU A 288 13.09 -16.90 -7.71
N GLY A 289 11.93 -16.69 -8.32
CA GLY A 289 11.72 -15.47 -9.07
C GLY A 289 11.64 -14.25 -8.17
N LEU A 290 10.81 -14.34 -7.14
CA LEU A 290 10.66 -13.22 -6.22
C LEU A 290 11.94 -12.99 -5.42
N GLU A 291 12.71 -14.04 -5.16
CA GLU A 291 13.95 -13.86 -4.39
C GLU A 291 14.92 -13.00 -5.19
N ALA A 292 14.98 -13.25 -6.50
CA ALA A 292 15.87 -12.50 -7.39
C ALA A 292 15.56 -11.00 -7.36
N VAL A 293 14.27 -10.67 -7.45
CA VAL A 293 13.88 -9.27 -7.44
C VAL A 293 14.07 -8.66 -6.05
N ASN A 294 13.58 -9.37 -5.04
CA ASN A 294 13.67 -8.91 -3.65
C ASN A 294 15.11 -8.68 -3.19
N LYS A 295 16.00 -9.58 -3.60
CA LYS A 295 17.41 -9.48 -3.22
C LYS A 295 18.02 -8.19 -3.78
N ASP A 296 17.50 -7.72 -4.91
CA ASP A 296 17.99 -6.50 -5.54
C ASP A 296 17.49 -5.32 -4.69
N LYS A 297 16.17 -5.15 -4.68
CA LYS A 297 15.49 -4.10 -3.90
C LYS A 297 14.30 -4.77 -3.23
N PRO A 298 14.23 -4.69 -1.89
CA PRO A 298 13.12 -5.31 -1.16
C PRO A 298 11.73 -4.95 -1.66
N LEU A 299 10.88 -5.96 -1.78
CA LEU A 299 9.51 -5.79 -2.23
C LEU A 299 8.60 -5.57 -1.03
N GLY A 300 9.14 -5.82 0.16
CA GLY A 300 8.34 -5.69 1.38
C GLY A 300 7.70 -7.06 1.56
N ALA A 301 6.38 -7.11 1.65
CA ALA A 301 5.69 -8.38 1.78
C ALA A 301 5.32 -8.78 0.36
N VAL A 302 5.01 -10.06 0.13
CA VAL A 302 4.64 -10.49 -1.22
C VAL A 302 3.31 -11.24 -1.26
N ALA A 303 2.73 -11.32 -2.46
CA ALA A 303 1.45 -11.99 -2.66
C ALA A 303 1.54 -13.51 -2.70
N LEU A 304 2.71 -14.03 -3.05
CA LEU A 304 2.93 -15.48 -3.13
C LEU A 304 3.11 -16.06 -1.73
N LYS A 305 2.15 -16.89 -1.32
CA LYS A 305 2.19 -17.50 0.00
C LYS A 305 3.52 -18.19 0.35
N SER A 306 3.97 -19.07 -0.54
CA SER A 306 5.20 -19.81 -0.27
C SER A 306 6.40 -18.93 0.06
N TYR A 307 6.61 -17.86 -0.70
CA TYR A 307 7.75 -17.00 -0.41
C TYR A 307 7.48 -16.06 0.76
N GLU A 308 6.24 -15.61 0.92
CA GLU A 308 5.92 -14.72 2.04
C GLU A 308 6.20 -15.46 3.34
N GLU A 309 5.92 -16.76 3.36
CA GLU A 309 6.16 -17.56 4.56
C GLU A 309 7.64 -17.61 4.90
N GLU A 310 8.50 -17.49 3.89
CA GLU A 310 9.94 -17.48 4.13
C GLU A 310 10.35 -16.08 4.56
N LEU A 311 9.85 -15.08 3.83
CA LEU A 311 10.18 -13.69 4.15
C LEU A 311 9.70 -13.26 5.52
N ALA A 312 8.60 -13.86 5.98
CA ALA A 312 8.04 -13.53 7.29
C ALA A 312 8.98 -13.83 8.45
N LYS A 313 10.11 -14.47 8.17
CA LYS A 313 11.10 -14.74 9.21
C LYS A 313 11.61 -13.38 9.67
N ASP A 314 11.38 -12.37 8.85
CA ASP A 314 11.76 -10.99 9.17
C ASP A 314 10.50 -10.41 9.82
N PRO A 315 10.53 -10.13 11.13
CA PRO A 315 9.35 -9.58 11.82
C PRO A 315 8.78 -8.31 11.21
N ARG A 316 9.62 -7.53 10.52
CA ARG A 316 9.15 -6.30 9.90
C ARG A 316 8.19 -6.64 8.76
N ILE A 317 8.53 -7.67 7.99
CA ILE A 317 7.69 -8.09 6.88
C ILE A 317 6.46 -8.83 7.37
N ALA A 318 6.64 -9.66 8.40
CA ALA A 318 5.52 -10.39 8.97
C ALA A 318 4.49 -9.39 9.47
N ALA A 319 4.98 -8.31 10.09
CA ALA A 319 4.10 -7.27 10.63
C ALA A 319 3.39 -6.55 9.48
N THR A 320 4.11 -6.34 8.38
CA THR A 320 3.55 -5.68 7.20
C THR A 320 2.32 -6.46 6.70
N MET A 321 2.46 -7.77 6.55
CA MET A 321 1.35 -8.60 6.09
C MET A 321 0.20 -8.68 7.10
N GLU A 322 0.54 -8.74 8.39
CA GLU A 322 -0.47 -8.80 9.43
C GLU A 322 -1.37 -7.56 9.36
N ASN A 323 -0.75 -6.39 9.24
CA ASN A 323 -1.51 -5.15 9.16
C ASN A 323 -2.28 -5.10 7.85
N ALA A 324 -1.66 -5.57 6.77
CA ALA A 324 -2.31 -5.59 5.46
C ALA A 324 -3.58 -6.42 5.45
N GLN A 325 -3.54 -7.59 6.08
CA GLN A 325 -4.72 -8.46 6.12
C GLN A 325 -5.83 -7.88 6.98
N LYS A 326 -5.49 -6.99 7.90
CA LYS A 326 -6.50 -6.35 8.75
C LYS A 326 -7.01 -5.08 8.10
N GLY A 327 -6.31 -4.63 7.07
CA GLY A 327 -6.69 -3.41 6.38
C GLY A 327 -7.55 -3.67 5.16
N GLU A 328 -7.57 -2.70 4.24
CA GLU A 328 -8.36 -2.79 3.04
C GLU A 328 -7.58 -2.40 1.80
N ILE A 329 -7.76 -3.16 0.72
CA ILE A 329 -7.13 -2.86 -0.55
C ILE A 329 -7.62 -1.48 -0.98
N MET A 330 -6.74 -0.65 -1.53
CA MET A 330 -7.18 0.66 -1.99
C MET A 330 -8.12 0.48 -3.17
N PRO A 331 -9.32 1.08 -3.11
CA PRO A 331 -10.29 0.96 -4.21
C PRO A 331 -9.69 1.49 -5.52
N ASN A 332 -9.88 0.76 -6.62
CA ASN A 332 -9.33 1.17 -7.91
C ASN A 332 -10.32 1.88 -8.82
N ILE A 333 -11.26 2.61 -8.23
CA ILE A 333 -12.26 3.33 -9.01
C ILE A 333 -11.93 4.83 -9.03
N PRO A 334 -12.46 5.56 -10.02
CA PRO A 334 -12.20 7.01 -10.14
C PRO A 334 -12.56 7.81 -8.89
N GLN A 335 -13.62 7.39 -8.22
CA GLN A 335 -14.10 8.09 -7.03
C GLN A 335 -13.13 8.07 -5.85
N MET A 336 -12.17 7.15 -5.86
CA MET A 336 -11.23 7.08 -4.74
C MET A 336 -10.40 8.35 -4.65
N SER A 337 -10.23 9.02 -5.78
CA SER A 337 -9.48 10.28 -5.79
C SER A 337 -10.28 11.30 -5.00
N ALA A 338 -11.58 11.37 -5.25
CA ALA A 338 -12.46 12.31 -4.54
C ALA A 338 -12.35 12.04 -3.04
N PHE A 339 -12.26 10.76 -2.68
CA PHE A 339 -12.14 10.35 -1.29
C PHE A 339 -10.87 10.93 -0.66
N TRP A 340 -9.73 10.70 -1.30
CA TRP A 340 -8.45 11.19 -0.79
C TRP A 340 -8.46 12.70 -0.52
N TYR A 341 -8.88 13.48 -1.50
CA TYR A 341 -8.91 14.94 -1.37
C TYR A 341 -9.91 15.44 -0.32
N ALA A 342 -11.11 14.85 -0.32
CA ALA A 342 -12.13 15.26 0.64
C ALA A 342 -11.71 14.92 2.07
N VAL A 343 -11.15 13.73 2.26
CA VAL A 343 -10.71 13.32 3.59
C VAL A 343 -9.45 14.05 4.02
N ARG A 344 -8.55 14.36 3.08
CA ARG A 344 -7.34 15.07 3.45
C ARG A 344 -7.73 16.40 4.07
N THR A 345 -8.73 17.05 3.47
CA THR A 345 -9.21 18.34 3.95
C THR A 345 -9.91 18.21 5.30
N ALA A 346 -10.75 17.18 5.43
CA ALA A 346 -11.48 16.97 6.67
C ALA A 346 -10.52 16.83 7.86
N VAL A 347 -9.50 16.00 7.70
CA VAL A 347 -8.54 15.77 8.78
C VAL A 347 -7.74 17.03 9.13
N ILE A 348 -7.25 17.72 8.10
CA ILE A 348 -6.49 18.95 8.32
C ILE A 348 -7.36 19.98 9.05
N ASN A 349 -8.57 20.20 8.55
CA ASN A 349 -9.47 21.17 9.17
C ASN A 349 -9.86 20.78 10.60
N ALA A 350 -10.16 19.51 10.83
CA ALA A 350 -10.54 19.06 12.15
C ALA A 350 -9.36 19.20 13.12
N ALA A 351 -8.16 18.90 12.65
CA ALA A 351 -6.96 18.98 13.47
C ALA A 351 -6.55 20.42 13.80
N SER A 352 -6.79 21.33 12.87
CA SER A 352 -6.42 22.74 13.08
C SER A 352 -7.51 23.49 13.84
N GLY A 353 -8.72 22.95 13.84
CA GLY A 353 -9.81 23.60 14.53
C GLY A 353 -10.71 24.41 13.61
N ARG A 354 -10.40 24.44 12.31
CA ARG A 354 -11.22 25.19 11.37
C ARG A 354 -12.65 24.64 11.40
N GLN A 355 -12.74 23.31 11.44
CA GLN A 355 -14.02 22.63 11.48
C GLN A 355 -14.08 21.66 12.65
N THR A 356 -15.30 21.37 13.11
CA THR A 356 -15.48 20.41 14.19
C THR A 356 -15.43 19.07 13.49
N VAL A 357 -15.27 17.99 14.25
CA VAL A 357 -15.21 16.66 13.67
C VAL A 357 -16.46 16.36 12.84
N ASP A 358 -17.62 16.65 13.39
CA ASP A 358 -18.89 16.40 12.71
C ASP A 358 -19.02 17.17 11.40
N GLU A 359 -18.66 18.45 11.42
CA GLU A 359 -18.74 19.30 10.22
C GLU A 359 -17.76 18.78 9.17
N ALA A 360 -16.53 18.51 9.60
CA ALA A 360 -15.48 18.02 8.70
C ALA A 360 -15.85 16.75 7.95
N LEU A 361 -16.34 15.75 8.66
CA LEU A 361 -16.71 14.49 8.03
C LEU A 361 -17.99 14.56 7.21
N LYS A 362 -18.95 15.35 7.68
CA LYS A 362 -20.20 15.53 6.96
C LYS A 362 -19.92 16.14 5.60
N ASP A 363 -19.10 17.18 5.56
CA ASP A 363 -18.76 17.83 4.30
C ASP A 363 -17.95 16.92 3.38
N ALA A 364 -17.06 16.12 3.96
CA ALA A 364 -16.25 15.20 3.16
C ALA A 364 -17.17 14.17 2.51
N GLN A 365 -18.05 13.59 3.33
CA GLN A 365 -19.03 12.59 2.88
C GLN A 365 -19.90 13.11 1.74
N THR A 366 -20.53 14.25 1.98
CA THR A 366 -21.43 14.87 1.00
C THR A 366 -20.72 15.13 -0.32
N ARG A 367 -19.41 15.40 -0.25
CA ARG A 367 -18.62 15.67 -1.43
C ARG A 367 -18.27 14.37 -2.18
N ILE A 368 -17.86 13.35 -1.43
CA ILE A 368 -17.47 12.07 -2.00
C ILE A 368 -18.62 11.34 -2.70
N THR A 369 -19.84 11.45 -2.17
CA THR A 369 -20.97 10.75 -2.77
C THR A 369 -21.62 11.51 -3.93
N LYS A 370 -21.05 12.66 -4.30
CA LYS A 370 -21.60 13.44 -5.40
C LYS A 370 -21.49 12.68 -6.72
C1 SOR B . 7.94 5.01 -2.38
C2 SOR B . 6.63 5.26 -1.68
C3 SOR B . 6.33 6.75 -1.52
C4 SOR B . 5.30 7.01 -0.42
C5 SOR B . 5.03 8.50 -0.25
C6 SOR B . 6.25 9.29 0.17
O1 SOR B . 9.02 5.54 -1.65
O2 SOR B . 5.57 4.64 -2.40
O3 SOR B . 5.85 7.27 -2.76
O4 SOR B . 4.06 6.34 -0.77
O5 SOR B . 4.50 9.04 -1.46
O6 SOR B . 6.04 9.94 1.41
C1 GLC B . 3.33 5.78 0.28
C2 GLC B . 2.47 4.67 -0.34
C3 GLC B . 1.39 5.28 -1.24
C4 GLC B . 0.59 6.35 -0.47
C5 GLC B . 1.53 7.37 0.17
C6 GLC B . 0.82 8.37 1.06
O2 GLC B . 3.28 3.80 -1.10
O3 GLC B . 0.52 4.26 -1.70
O4 GLC B . -0.30 7.01 -1.39
O5 GLC B . 2.52 6.71 0.98
O6 GLC B . 1.54 9.60 1.14
C1 GLC B . -1.65 6.67 -1.28
C2 GLC B . -2.27 6.59 -2.67
C3 GLC B . -2.26 7.97 -3.32
C4 GLC B . -2.97 8.99 -2.42
C5 GLC B . -2.41 8.95 -0.98
C6 GLC B . -3.28 9.76 -0.03
O2 GLC B . -1.51 5.68 -3.48
O3 GLC B . -2.90 7.92 -4.57
O4 GLC B . -2.78 10.30 -2.97
O5 GLC B . -2.39 7.60 -0.48
O6 GLC B . -2.63 10.02 1.21
C1 GLC B . -3.92 10.90 -3.50
C2 GLC B . -3.60 11.47 -4.90
C3 GLC B . -2.58 12.61 -4.75
C4 GLC B . -3.14 13.68 -3.80
C5 GLC B . -3.51 13.03 -2.47
C6 GLC B . -4.17 14.00 -1.51
O2 GLC B . -3.07 10.45 -5.72
O3 GLC B . -2.31 13.18 -6.03
O4 GLC B . -2.15 14.68 -3.60
O5 GLC B . -4.43 11.93 -2.67
O6 GLC B . -4.11 13.53 -0.17
#